data_1N1D
#
_entry.id   1N1D
#
_cell.length_a   37.795
_cell.length_b   55.929
_cell.length_c   63.701
_cell.angle_alpha   88.99
_cell.angle_beta   75.03
_cell.angle_gamma   82.54
#
_symmetry.space_group_name_H-M   'P 1'
#
loop_
_entity.id
_entity.type
_entity.pdbx_description
1 polymer 'glycerol-3-phosphate cytidylyltransferase'
2 non-polymer 'SULFATE ION'
3 non-polymer "[CYTIDINE-5'-PHOSPHATE] GLYCERYLPHOSPHORIC ACID ESTER"
4 water water
#
_entity_poly.entity_id   1
_entity_poly.type   'polypeptide(L)'
_entity_poly.pdbx_seq_one_letter_code
;MKKVITYGTFDLLHWGHIKLLERAKQLGDYLVVAISTDEFNLQKQKKAYHSYEHRKLILETIRYVDEVIPEKNWEQKKQD
IIDHNIDVFVMGDDWEGKFDFLKDQCEVVYLPRTEGISTTKIKEEIAGL
;
_entity_poly.pdbx_strand_id   A,B,C,D
#
loop_
_chem_comp.id
_chem_comp.type
_chem_comp.name
_chem_comp.formula
C2G non-polymer '[CYTIDINE-5'-PHOSPHATE] GLYCERYLPHOSPHORIC ACID ESTER' 'C12 H21 N3 O13 P2'
SO4 non-polymer 'SULFATE ION' 'O4 S -2'
#
# COMPACT_ATOMS: atom_id res chain seq x y z
N MET A 1 -18.05 -4.39 35.87
CA MET A 1 -17.73 -3.58 34.67
C MET A 1 -17.30 -4.43 33.50
N LYS A 2 -17.79 -4.09 32.31
CA LYS A 2 -17.46 -4.83 31.09
C LYS A 2 -16.37 -4.08 30.35
N LYS A 3 -15.15 -4.61 30.38
CA LYS A 3 -14.02 -3.97 29.72
C LYS A 3 -13.75 -4.51 28.33
N VAL A 4 -13.59 -3.60 27.38
CA VAL A 4 -13.34 -3.93 25.98
C VAL A 4 -11.96 -3.43 25.52
N ILE A 5 -11.35 -4.13 24.58
CA ILE A 5 -10.06 -3.72 24.06
C ILE A 5 -9.97 -3.91 22.54
N THR A 6 -9.18 -3.06 21.88
CA THR A 6 -9.00 -3.16 20.43
C THR A 6 -7.57 -2.71 20.11
N TYR A 7 -7.00 -3.24 19.02
CA TYR A 7 -5.62 -2.92 18.62
C TYR A 7 -5.59 -2.29 17.24
N GLY A 8 -4.60 -1.43 16.98
CA GLY A 8 -4.49 -0.80 15.68
C GLY A 8 -3.50 0.35 15.61
N THR A 9 -3.21 0.79 14.38
CA THR A 9 -2.28 1.88 14.14
C THR A 9 -2.94 3.26 14.22
N PHE A 10 -4.14 3.37 13.66
CA PHE A 10 -4.91 4.60 13.63
C PHE A 10 -4.09 5.81 13.18
N ASP A 11 -3.58 5.73 11.96
CA ASP A 11 -2.79 6.80 11.33
C ASP A 11 -3.79 7.59 10.47
N LEU A 12 -3.55 8.87 10.26
CA LEU A 12 -4.47 9.70 9.46
C LEU A 12 -5.91 9.39 9.85
N LEU A 13 -6.27 9.75 11.08
CA LEU A 13 -7.61 9.47 11.62
C LEU A 13 -8.79 9.82 10.70
N HIS A 14 -9.64 8.83 10.41
CA HIS A 14 -10.82 9.06 9.57
C HIS A 14 -12.13 8.52 10.17
N TRP A 15 -13.26 8.83 9.51
CA TRP A 15 -14.58 8.42 9.99
C TRP A 15 -14.79 6.92 10.09
N GLY A 16 -13.94 6.15 9.42
CA GLY A 16 -14.04 4.71 9.50
C GLY A 16 -13.46 4.27 10.83
N HIS A 17 -12.41 4.94 11.28
CA HIS A 17 -11.78 4.61 12.57
C HIS A 17 -12.76 5.03 13.65
N ILE A 18 -13.35 6.21 13.48
CA ILE A 18 -14.31 6.70 14.45
C ILE A 18 -15.43 5.68 14.64
N LYS A 19 -16.02 5.21 13.55
CA LYS A 19 -17.10 4.23 13.63
C LYS A 19 -16.68 2.90 14.28
N LEU A 20 -15.41 2.54 14.17
CA LEU A 20 -14.94 1.29 14.78
C LEU A 20 -14.90 1.45 16.29
N LEU A 21 -14.29 2.54 16.75
CA LEU A 21 -14.19 2.84 18.18
C LEU A 21 -15.55 3.02 18.82
N GLU A 22 -16.47 3.64 18.09
CA GLU A 22 -17.84 3.89 18.56
C GLU A 22 -18.55 2.59 18.92
N ARG A 23 -18.58 1.66 17.97
CA ARG A 23 -19.24 0.37 18.22
C ARG A 23 -18.51 -0.43 19.30
N ALA A 24 -17.18 -0.37 19.28
CA ALA A 24 -16.38 -1.12 20.25
C ALA A 24 -16.72 -0.71 21.68
N LYS A 25 -16.68 0.59 21.95
CA LYS A 25 -17.01 1.12 23.28
C LYS A 25 -18.39 0.65 23.68
N GLN A 26 -19.35 0.77 22.77
CA GLN A 26 -20.71 0.38 23.07
C GLN A 26 -20.98 -1.11 23.20
N LEU A 27 -19.92 -1.91 23.19
CA LEU A 27 -20.05 -3.36 23.36
C LEU A 27 -19.88 -3.63 24.86
N GLY A 28 -19.40 -2.62 25.59
CA GLY A 28 -19.21 -2.74 27.03
C GLY A 28 -19.37 -1.38 27.67
N ASP A 29 -18.63 -1.09 28.73
CA ASP A 29 -18.73 0.22 29.36
C ASP A 29 -17.38 0.93 29.59
N TYR A 30 -16.31 0.37 29.04
CA TYR A 30 -14.95 0.93 29.17
C TYR A 30 -14.13 0.42 27.98
N LEU A 31 -13.35 1.29 27.35
CA LEU A 31 -12.56 0.87 26.19
C LEU A 31 -11.07 1.20 26.26
N VAL A 32 -10.23 0.18 26.06
CA VAL A 32 -8.79 0.33 26.04
C VAL A 32 -8.35 0.09 24.62
N VAL A 33 -7.41 0.90 24.13
CA VAL A 33 -6.90 0.75 22.78
C VAL A 33 -5.38 0.65 22.83
N ALA A 34 -4.85 -0.42 22.26
CA ALA A 34 -3.42 -0.64 22.19
C ALA A 34 -3.00 -0.13 20.82
N ILE A 35 -2.29 0.98 20.79
CA ILE A 35 -1.85 1.59 19.54
C ILE A 35 -0.44 1.12 19.15
N SER A 36 -0.31 0.65 17.91
CA SER A 36 0.95 0.13 17.38
C SER A 36 2.11 1.13 17.38
N THR A 37 3.28 0.69 17.85
CA THR A 37 4.46 1.54 17.84
C THR A 37 4.93 1.57 16.40
N ASP A 38 5.86 2.47 16.09
CA ASP A 38 6.35 2.54 14.71
C ASP A 38 7.16 1.30 14.35
N GLU A 39 7.75 0.65 15.34
CA GLU A 39 8.54 -0.56 15.08
C GLU A 39 7.57 -1.68 14.67
N PHE A 40 6.50 -1.83 15.43
CA PHE A 40 5.51 -2.87 15.15
C PHE A 40 4.74 -2.61 13.87
N ASN A 41 4.43 -1.34 13.61
CA ASN A 41 3.70 -0.99 12.40
C ASN A 41 4.47 -1.54 11.20
N LEU A 42 5.79 -1.49 11.29
CA LEU A 42 6.66 -1.96 10.22
C LEU A 42 6.53 -3.46 10.02
N GLN A 43 6.33 -4.19 11.12
CA GLN A 43 6.15 -5.64 11.04
C GLN A 43 4.84 -5.98 10.34
N LYS A 44 4.04 -4.94 10.08
CA LYS A 44 2.77 -5.12 9.38
C LYS A 44 2.89 -4.60 7.95
N GLN A 45 4.14 -4.41 7.51
CA GLN A 45 4.41 -3.90 6.17
C GLN A 45 3.72 -2.57 5.97
N LYS A 46 3.89 -1.68 6.94
CA LYS A 46 3.27 -0.36 6.89
C LYS A 46 4.12 0.71 7.58
N LYS A 47 3.99 1.94 7.09
CA LYS A 47 4.71 3.05 7.69
C LYS A 47 3.73 4.20 7.94
N ALA A 48 3.56 4.51 9.23
CA ALA A 48 2.64 5.56 9.66
C ALA A 48 3.13 6.97 9.36
N TYR A 49 2.27 7.80 8.77
CA TYR A 49 2.68 9.16 8.47
C TYR A 49 2.86 9.93 9.79
N HIS A 50 1.95 9.71 10.73
CA HIS A 50 2.04 10.37 12.04
C HIS A 50 2.81 9.50 13.03
N SER A 51 3.59 10.13 13.90
CA SER A 51 4.38 9.40 14.88
C SER A 51 3.50 8.81 15.97
N TYR A 52 4.05 7.81 16.66
CA TYR A 52 3.37 7.13 17.75
C TYR A 52 2.93 8.12 18.82
N GLU A 53 3.83 9.05 19.17
CA GLU A 53 3.53 10.05 20.19
C GLU A 53 2.29 10.85 19.77
N HIS A 54 2.29 11.34 18.54
CA HIS A 54 1.17 12.13 18.06
C HIS A 54 -0.10 11.32 17.79
N ARG A 55 0.06 10.10 17.29
CA ARG A 55 -1.11 9.27 17.05
C ARG A 55 -1.83 8.96 18.37
N LYS A 56 -1.04 8.73 19.43
CA LYS A 56 -1.60 8.44 20.74
C LYS A 56 -2.25 9.70 21.34
N LEU A 57 -1.63 10.84 21.11
CA LEU A 57 -2.16 12.11 21.60
C LEU A 57 -3.59 12.35 21.10
N ILE A 58 -3.80 12.22 19.79
CA ILE A 58 -5.12 12.43 19.21
C ILE A 58 -6.17 11.43 19.69
N LEU A 59 -5.83 10.15 19.68
CA LEU A 59 -6.74 9.09 20.08
C LEU A 59 -7.23 9.22 21.52
N GLU A 60 -6.36 9.69 22.41
CA GLU A 60 -6.72 9.84 23.82
C GLU A 60 -7.84 10.88 24.06
N THR A 61 -8.09 11.73 23.08
CA THR A 61 -9.12 12.75 23.21
C THR A 61 -10.52 12.32 22.76
N ILE A 62 -10.60 11.26 21.95
CA ILE A 62 -11.87 10.72 21.44
C ILE A 62 -12.68 10.13 22.60
N ARG A 63 -13.88 10.66 22.82
CA ARG A 63 -14.76 10.22 23.91
C ARG A 63 -14.91 8.72 24.14
N TYR A 64 -14.99 7.95 23.07
CA TYR A 64 -15.15 6.50 23.19
C TYR A 64 -13.97 5.81 23.86
N VAL A 65 -12.79 6.41 23.77
CA VAL A 65 -11.56 5.85 24.33
C VAL A 65 -11.27 6.25 25.79
N ASP A 66 -11.18 5.26 26.68
CA ASP A 66 -10.91 5.52 28.09
C ASP A 66 -9.42 5.58 28.42
N GLU A 67 -8.63 4.75 27.75
CA GLU A 67 -7.18 4.75 27.97
C GLU A 67 -6.42 4.11 26.81
N VAL A 68 -5.18 4.55 26.62
CA VAL A 68 -4.33 4.04 25.56
C VAL A 68 -3.00 3.44 26.01
N ILE A 69 -2.68 2.25 25.50
CA ILE A 69 -1.41 1.60 25.82
C ILE A 69 -0.68 1.27 24.51
N PRO A 70 0.65 1.08 24.55
CA PRO A 70 1.30 0.77 23.29
C PRO A 70 1.15 -0.71 22.84
N GLU A 71 1.11 -0.93 21.53
CA GLU A 71 1.06 -2.28 20.98
C GLU A 71 2.49 -2.48 20.48
N LYS A 72 3.23 -3.35 21.16
CA LYS A 72 4.64 -3.59 20.84
C LYS A 72 4.98 -4.85 20.07
N ASN A 73 4.21 -5.90 20.25
CA ASN A 73 4.48 -7.16 19.58
C ASN A 73 3.22 -8.03 19.55
N TRP A 74 3.20 -9.05 18.70
CA TRP A 74 2.04 -9.93 18.57
C TRP A 74 1.74 -10.74 19.84
N GLU A 75 2.79 -11.16 20.53
CA GLU A 75 2.64 -12.01 21.70
C GLU A 75 2.03 -11.42 22.98
N GLN A 76 2.04 -10.09 23.09
CA GLN A 76 1.51 -9.40 24.28
C GLN A 76 0.02 -9.53 24.59
N LYS A 77 -0.77 -9.91 23.58
CA LYS A 77 -2.21 -10.01 23.73
C LYS A 77 -2.81 -10.78 24.90
N LYS A 78 -2.39 -12.02 25.10
CA LYS A 78 -2.95 -12.80 26.20
C LYS A 78 -2.70 -12.16 27.56
N GLN A 79 -1.52 -11.60 27.76
CA GLN A 79 -1.22 -10.96 29.03
C GLN A 79 -2.01 -9.66 29.17
N ASP A 80 -2.24 -8.97 28.06
CA ASP A 80 -2.97 -7.72 28.07
C ASP A 80 -4.36 -7.97 28.66
N ILE A 81 -5.00 -9.02 28.16
CA ILE A 81 -6.32 -9.40 28.63
C ILE A 81 -6.32 -9.67 30.13
N ILE A 82 -5.28 -10.35 30.62
CA ILE A 82 -5.17 -10.66 32.05
C ILE A 82 -4.92 -9.39 32.86
N ASP A 83 -3.97 -8.57 32.43
CA ASP A 83 -3.62 -7.33 33.13
C ASP A 83 -4.74 -6.31 33.23
N HIS A 84 -5.51 -6.17 32.15
CA HIS A 84 -6.59 -5.19 32.11
C HIS A 84 -7.99 -5.76 32.38
N ASN A 85 -8.06 -7.01 32.80
CA ASN A 85 -9.34 -7.64 33.10
C ASN A 85 -10.35 -7.47 31.98
N ILE A 86 -9.89 -7.67 30.75
CA ILE A 86 -10.71 -7.53 29.55
C ILE A 86 -11.80 -8.59 29.42
N ASP A 87 -13.00 -8.17 29.01
CA ASP A 87 -14.11 -9.11 28.81
C ASP A 87 -14.43 -9.30 27.32
N VAL A 88 -14.15 -8.29 26.51
CA VAL A 88 -14.43 -8.37 25.07
C VAL A 88 -13.25 -7.88 24.23
N PHE A 89 -12.91 -8.65 23.20
CA PHE A 89 -11.82 -8.32 22.28
C PHE A 89 -12.46 -8.08 20.92
N VAL A 90 -12.17 -6.91 20.33
CA VAL A 90 -12.77 -6.55 19.05
C VAL A 90 -11.78 -6.03 18.00
N MET A 91 -12.04 -6.34 16.73
CA MET A 91 -11.23 -5.86 15.61
C MET A 91 -12.15 -5.75 14.38
N GLY A 92 -11.73 -5.00 13.36
CA GLY A 92 -12.52 -4.88 12.13
C GLY A 92 -12.47 -6.24 11.46
N ASP A 93 -13.48 -6.57 10.64
CA ASP A 93 -13.51 -7.89 10.03
C ASP A 93 -12.47 -8.28 8.99
N ASP A 94 -11.45 -7.44 8.77
CA ASP A 94 -10.42 -7.85 7.84
C ASP A 94 -9.46 -8.74 8.62
N TRP A 95 -9.77 -8.96 9.89
CA TRP A 95 -8.98 -9.81 10.78
C TRP A 95 -9.82 -11.00 11.19
N GLU A 96 -10.94 -11.19 10.50
CA GLU A 96 -11.87 -12.30 10.77
C GLU A 96 -11.15 -13.63 10.95
N GLY A 97 -11.33 -14.25 12.11
CA GLY A 97 -10.72 -15.54 12.39
C GLY A 97 -9.27 -15.59 12.86
N LYS A 98 -8.51 -14.52 12.61
CA LYS A 98 -7.11 -14.48 13.00
C LYS A 98 -6.84 -14.52 14.52
N PHE A 99 -7.78 -14.05 15.32
CA PHE A 99 -7.61 -14.04 16.77
C PHE A 99 -8.64 -14.89 17.53
N ASP A 100 -9.07 -15.99 16.90
CA ASP A 100 -10.03 -16.88 17.53
C ASP A 100 -9.43 -17.63 18.72
N PHE A 101 -8.10 -17.62 18.80
CA PHE A 101 -7.42 -18.32 19.89
C PHE A 101 -7.62 -17.63 21.24
N LEU A 102 -8.24 -16.46 21.23
CA LEU A 102 -8.51 -15.73 22.47
C LEU A 102 -9.91 -16.00 23.01
N LYS A 103 -10.70 -16.79 22.30
CA LYS A 103 -12.08 -17.09 22.72
C LYS A 103 -12.19 -17.83 24.04
N ASP A 104 -11.14 -18.55 24.42
CA ASP A 104 -11.12 -19.31 25.66
C ASP A 104 -10.79 -18.40 26.84
N GLN A 105 -10.51 -17.13 26.53
CA GLN A 105 -10.18 -16.14 27.54
C GLN A 105 -11.22 -15.02 27.63
N CYS A 106 -11.81 -14.66 26.49
CA CYS A 106 -12.81 -13.59 26.47
C CYS A 106 -13.67 -13.70 25.21
N GLU A 107 -14.66 -12.81 25.09
CA GLU A 107 -15.51 -12.82 23.89
C GLU A 107 -14.72 -12.18 22.76
N VAL A 108 -14.84 -12.71 21.55
CA VAL A 108 -14.14 -12.14 20.39
C VAL A 108 -15.19 -11.66 19.41
N VAL A 109 -15.08 -10.41 18.98
CA VAL A 109 -16.05 -9.84 18.04
C VAL A 109 -15.38 -9.18 16.86
N TYR A 110 -15.86 -9.49 15.66
CA TYR A 110 -15.32 -8.89 14.45
C TYR A 110 -16.37 -7.92 13.91
N LEU A 111 -16.00 -6.66 13.79
CA LEU A 111 -16.94 -5.66 13.29
C LEU A 111 -16.74 -5.35 11.82
N PRO A 112 -17.82 -5.41 11.04
CA PRO A 112 -17.70 -5.11 9.61
C PRO A 112 -17.05 -3.74 9.41
N ARG A 113 -16.02 -3.67 8.56
CA ARG A 113 -15.34 -2.41 8.28
C ARG A 113 -16.31 -1.42 7.67
N THR A 114 -15.95 -0.14 7.72
CA THR A 114 -16.77 0.91 7.12
C THR A 114 -16.36 0.98 5.65
N GLU A 115 -17.25 0.56 4.77
CA GLU A 115 -16.98 0.59 3.34
C GLU A 115 -16.78 2.01 2.84
N GLY A 116 -15.95 2.16 1.81
CA GLY A 116 -15.73 3.48 1.22
C GLY A 116 -14.65 4.40 1.76
N ILE A 117 -13.83 3.92 2.68
CA ILE A 117 -12.77 4.76 3.22
C ILE A 117 -11.60 3.91 3.70
N SER A 118 -10.38 4.41 3.48
CA SER A 118 -9.16 3.70 3.90
C SER A 118 -7.99 4.66 3.80
N THR A 119 -6.88 4.32 4.47
CA THR A 119 -5.70 5.17 4.44
C THR A 119 -5.06 5.15 3.05
N THR A 120 -5.29 4.07 2.32
CA THR A 120 -4.76 3.95 0.97
C THR A 120 -5.53 4.86 0.01
N LYS A 121 -6.85 4.92 0.16
CA LYS A 121 -7.65 5.77 -0.72
C LYS A 121 -7.26 7.23 -0.49
N ILE A 122 -7.04 7.59 0.77
CA ILE A 122 -6.67 8.96 1.13
C ILE A 122 -5.36 9.43 0.48
N LYS A 123 -4.30 8.64 0.64
CA LYS A 123 -3.02 9.00 0.06
C LYS A 123 -3.12 9.04 -1.46
N GLU A 124 -3.73 7.99 -2.02
CA GLU A 124 -3.90 7.90 -3.47
C GLU A 124 -4.62 9.09 -4.09
N GLU A 125 -5.74 9.51 -3.51
CA GLU A 125 -6.45 10.65 -4.07
C GLU A 125 -5.72 11.94 -3.73
N ILE A 126 -5.08 11.98 -2.56
CA ILE A 126 -4.32 13.16 -2.16
C ILE A 126 -3.07 13.33 -3.01
N MET B 1 -22.31 30.53 33.44
CA MET B 1 -21.38 29.62 32.71
C MET B 1 -20.57 30.39 31.66
N LYS B 2 -19.25 30.24 31.71
CA LYS B 2 -18.36 30.91 30.76
C LYS B 2 -18.31 30.10 29.46
N LYS B 3 -18.92 30.63 28.41
CA LYS B 3 -18.96 29.95 27.12
C LYS B 3 -17.89 30.47 26.14
N VAL B 4 -17.25 29.53 25.45
CA VAL B 4 -16.21 29.84 24.48
C VAL B 4 -16.63 29.37 23.11
N ILE B 5 -16.18 30.04 22.05
CA ILE B 5 -16.50 29.63 20.69
C ILE B 5 -15.24 29.80 19.83
N THR B 6 -15.09 28.95 18.82
CA THR B 6 -13.94 29.01 17.92
C THR B 6 -14.42 28.57 16.53
N TYR B 7 -13.81 29.10 15.48
CA TYR B 7 -14.19 28.76 14.09
C TYR B 7 -13.05 28.14 13.29
N GLY B 8 -13.37 27.21 12.39
CA GLY B 8 -12.35 26.58 11.57
C GLY B 8 -12.81 25.45 10.66
N THR B 9 -11.93 25.02 9.76
CA THR B 9 -12.23 23.93 8.83
C THR B 9 -11.93 22.55 9.41
N PHE B 10 -10.78 22.42 10.06
CA PHE B 10 -10.40 21.16 10.68
C PHE B 10 -10.38 19.95 9.75
N ASP B 11 -9.74 20.08 8.60
CA ASP B 11 -9.64 18.99 7.66
C ASP B 11 -8.44 18.12 8.07
N LEU B 12 -8.51 16.82 7.82
CA LEU B 12 -7.41 15.92 8.18
C LEU B 12 -6.93 16.19 9.62
N LEU B 13 -7.89 16.27 10.55
CA LEU B 13 -7.62 16.55 11.96
C LEU B 13 -6.28 15.99 12.43
N HIS B 14 -5.41 16.89 12.90
CA HIS B 14 -4.08 16.51 13.39
C HIS B 14 -3.82 17.00 14.82
N TRP B 15 -2.62 16.72 15.35
CA TRP B 15 -2.28 17.12 16.72
C TRP B 15 -2.25 18.63 16.98
N GLY B 16 -2.04 19.42 15.92
CA GLY B 16 -2.00 20.86 16.07
C GLY B 16 -3.41 21.37 16.37
N HIS B 17 -4.40 20.76 15.74
CA HIS B 17 -5.79 21.14 15.96
C HIS B 17 -6.17 20.75 17.38
N ILE B 18 -5.73 19.57 17.78
CA ILE B 18 -6.06 19.06 19.11
C ILE B 18 -5.55 19.99 20.21
N LYS B 19 -4.32 20.49 20.05
CA LYS B 19 -3.78 21.38 21.07
C LYS B 19 -4.48 22.72 21.09
N LEU B 20 -5.06 23.09 19.96
CA LEU B 20 -5.80 24.35 19.86
C LEU B 20 -7.12 24.19 20.62
N LEU B 21 -7.78 23.05 20.42
CA LEU B 21 -9.07 22.77 21.07
C LEU B 21 -8.89 22.56 22.59
N GLU B 22 -7.76 21.96 22.98
CA GLU B 22 -7.47 21.75 24.39
C GLU B 22 -7.33 23.10 25.11
N ARG B 23 -6.49 23.98 24.56
CA ARG B 23 -6.29 25.30 25.15
C ARG B 23 -7.50 26.22 25.00
N ALA B 24 -8.36 25.93 24.02
CA ALA B 24 -9.57 26.73 23.84
C ALA B 24 -10.51 26.45 25.01
N LYS B 25 -10.73 25.16 25.27
CA LYS B 25 -11.60 24.71 26.37
C LYS B 25 -11.06 25.16 27.73
N GLN B 26 -9.73 25.24 27.86
CA GLN B 26 -9.11 25.68 29.11
C GLN B 26 -9.57 27.08 29.49
N LEU B 27 -10.08 27.82 28.51
CA LEU B 27 -10.55 29.20 28.71
C LEU B 27 -11.94 29.37 29.32
N GLY B 28 -12.75 28.31 29.31
CA GLY B 28 -14.09 28.43 29.86
C GLY B 28 -14.71 27.14 30.32
N ASP B 29 -16.01 27.14 30.54
CA ASP B 29 -16.72 25.94 31.00
C ASP B 29 -17.35 25.13 29.89
N TYR B 30 -17.48 25.72 28.70
CA TYR B 30 -18.16 25.05 27.59
C TYR B 30 -17.58 25.57 26.27
N LEU B 31 -17.33 24.68 25.32
CA LEU B 31 -16.77 25.09 24.03
C LEU B 31 -17.63 24.77 22.79
N VAL B 32 -18.00 25.82 22.05
CA VAL B 32 -18.77 25.63 20.82
C VAL B 32 -17.77 25.71 19.66
N VAL B 33 -17.89 24.80 18.70
CA VAL B 33 -17.02 24.81 17.52
C VAL B 33 -17.87 25.00 16.28
N ALA B 34 -17.54 26.01 15.49
CA ALA B 34 -18.26 26.29 14.24
C ALA B 34 -17.32 25.89 13.11
N ILE B 35 -17.65 24.77 12.47
CA ILE B 35 -16.88 24.20 11.37
C ILE B 35 -17.30 24.70 10.02
N SER B 36 -16.32 25.16 9.24
CA SER B 36 -16.57 25.69 7.91
C SER B 36 -17.27 24.69 6.98
N THR B 37 -18.34 25.13 6.33
CA THR B 37 -19.05 24.25 5.39
C THR B 37 -18.15 24.16 4.17
N ASP B 38 -18.42 23.18 3.31
CA ASP B 38 -17.61 23.03 2.10
C ASP B 38 -17.80 24.28 1.24
N GLU B 39 -18.99 24.85 1.32
CA GLU B 39 -19.31 26.06 0.59
C GLU B 39 -18.49 27.24 1.11
N PHE B 40 -18.44 27.40 2.43
CA PHE B 40 -17.67 28.50 3.01
C PHE B 40 -16.16 28.31 2.81
N ASN B 41 -15.71 27.06 2.86
CA ASN B 41 -14.29 26.75 2.67
C ASN B 41 -13.81 27.34 1.33
N LEU B 42 -14.68 27.26 0.32
CA LEU B 42 -14.37 27.78 -1.00
C LEU B 42 -14.14 29.28 -0.94
N GLN B 43 -14.87 29.96 -0.06
CA GLN B 43 -14.72 31.40 0.07
C GLN B 43 -13.36 31.73 0.69
N LYS B 44 -12.76 30.75 1.36
CA LYS B 44 -11.43 30.94 1.95
C LYS B 44 -10.40 30.39 0.97
N GLN B 45 -10.83 30.19 -0.27
CA GLN B 45 -9.99 29.66 -1.36
C GLN B 45 -9.43 28.28 -1.04
N LYS B 46 -10.18 27.50 -0.29
CA LYS B 46 -9.77 26.15 0.10
C LYS B 46 -10.79 25.07 -0.24
N LYS B 47 -10.32 23.83 -0.24
CA LYS B 47 -11.16 22.67 -0.54
C LYS B 47 -10.68 21.54 0.37
N ALA B 48 -11.56 21.07 1.26
CA ALA B 48 -11.19 20.02 2.21
C ALA B 48 -11.29 18.61 1.64
N TYR B 49 -10.34 17.75 1.99
CA TYR B 49 -10.36 16.38 1.51
C TYR B 49 -11.57 15.67 2.14
N HIS B 50 -11.85 15.99 3.41
CA HIS B 50 -12.99 15.40 4.12
C HIS B 50 -14.20 16.33 4.04
N SER B 51 -15.36 15.77 3.71
CA SER B 51 -16.59 16.58 3.61
C SER B 51 -16.98 17.11 4.98
N TYR B 52 -17.87 18.09 4.99
CA TYR B 52 -18.34 18.67 6.25
C TYR B 52 -18.89 17.56 7.14
N GLU B 53 -19.80 16.77 6.60
CA GLU B 53 -20.41 15.68 7.35
C GLU B 53 -19.38 14.89 8.15
N HIS B 54 -18.33 14.44 7.48
CA HIS B 54 -17.29 13.66 8.12
C HIS B 54 -16.36 14.46 9.03
N ARG B 55 -16.11 15.72 8.70
CA ARG B 55 -15.27 16.55 9.54
C ARG B 55 -16.00 16.84 10.85
N LYS B 56 -17.32 16.96 10.78
CA LYS B 56 -18.12 17.23 11.97
C LYS B 56 -18.23 15.99 12.84
N LEU B 57 -18.37 14.83 12.20
CA LEU B 57 -18.50 13.55 12.91
C LEU B 57 -17.32 13.31 13.84
N ILE B 58 -16.12 13.38 13.28
CA ILE B 58 -14.90 13.15 14.06
C ILE B 58 -14.74 14.20 15.15
N LEU B 59 -14.87 15.47 14.75
CA LEU B 59 -14.74 16.61 15.65
C LEU B 59 -15.63 16.47 16.87
N GLU B 60 -16.90 16.13 16.63
CA GLU B 60 -17.86 15.97 17.70
C GLU B 60 -17.41 14.99 18.79
N THR B 61 -16.53 14.05 18.45
CA THR B 61 -16.06 13.07 19.43
C THR B 61 -14.91 13.55 20.32
N ILE B 62 -14.29 14.67 19.97
CA ILE B 62 -13.18 15.20 20.78
C ILE B 62 -13.77 15.67 22.11
N ARG B 63 -13.23 15.17 23.22
CA ARG B 63 -13.72 15.52 24.55
C ARG B 63 -13.81 17.01 24.87
N TYR B 64 -12.92 17.83 24.31
CA TYR B 64 -12.92 19.26 24.58
C TYR B 64 -14.11 19.98 23.93
N VAL B 65 -14.73 19.33 22.95
CA VAL B 65 -15.86 19.87 22.20
C VAL B 65 -17.25 19.52 22.75
N ASP B 66 -18.02 20.53 23.16
CA ASP B 66 -19.36 20.28 23.70
C ASP B 66 -20.44 20.33 22.63
N GLU B 67 -20.28 21.23 21.66
CA GLU B 67 -21.27 21.40 20.61
C GLU B 67 -20.68 21.93 19.29
N VAL B 68 -21.24 21.46 18.18
CA VAL B 68 -20.78 21.85 16.85
C VAL B 68 -21.88 22.47 15.99
N ILE B 69 -21.54 23.54 15.27
CA ILE B 69 -22.48 24.21 14.38
C ILE B 69 -21.74 24.54 13.09
N PRO B 70 -22.48 24.77 12.00
CA PRO B 70 -21.81 25.08 10.74
C PRO B 70 -21.40 26.54 10.61
N GLU B 71 -20.24 26.80 10.01
CA GLU B 71 -19.78 28.16 9.75
C GLU B 71 -20.14 28.30 8.27
N LYS B 72 -21.15 29.12 7.99
CA LYS B 72 -21.63 29.30 6.63
C LYS B 72 -21.12 30.54 5.91
N ASN B 73 -20.89 31.61 6.65
CA ASN B 73 -20.40 32.86 6.09
C ASN B 73 -19.62 33.71 7.09
N TRP B 74 -18.99 34.78 6.60
CA TRP B 74 -18.20 35.68 7.45
C TRP B 74 -19.02 36.48 8.47
N GLU B 75 -20.23 36.86 8.06
CA GLU B 75 -21.10 37.70 8.88
C GLU B 75 -21.83 37.12 10.08
N GLN B 76 -21.99 35.81 10.13
CA GLN B 76 -22.73 35.18 11.22
C GLN B 76 -22.15 35.28 12.63
N LYS B 77 -20.90 35.72 12.76
CA LYS B 77 -20.27 35.80 14.09
C LYS B 77 -21.08 36.62 15.09
N LYS B 78 -21.43 37.84 14.72
CA LYS B 78 -22.20 38.72 15.61
C LYS B 78 -23.42 38.00 16.18
N GLN B 79 -24.25 37.45 15.30
CA GLN B 79 -25.46 36.75 15.72
C GLN B 79 -25.21 35.46 16.48
N ASP B 80 -24.14 34.75 16.14
CA ASP B 80 -23.78 33.50 16.81
C ASP B 80 -23.47 33.76 18.27
N ILE B 81 -22.60 34.75 18.49
CA ILE B 81 -22.18 35.10 19.84
C ILE B 81 -23.38 35.46 20.71
N ILE B 82 -24.40 36.06 20.10
CA ILE B 82 -25.62 36.42 20.82
C ILE B 82 -26.48 35.18 21.07
N ASP B 83 -26.69 34.39 20.03
CA ASP B 83 -27.50 33.17 20.12
C ASP B 83 -26.97 32.15 21.13
N HIS B 84 -25.65 31.98 21.19
CA HIS B 84 -25.06 31.02 22.12
C HIS B 84 -24.51 31.61 23.42
N ASN B 85 -24.76 32.89 23.65
CA ASN B 85 -24.28 33.58 24.86
C ASN B 85 -22.79 33.36 25.11
N ILE B 86 -21.98 33.57 24.07
CA ILE B 86 -20.53 33.39 24.16
C ILE B 86 -19.86 34.52 24.93
N ASP B 87 -18.89 34.16 25.77
CA ASP B 87 -18.14 35.13 26.58
C ASP B 87 -16.72 35.31 26.04
N VAL B 88 -16.20 34.28 25.36
CA VAL B 88 -14.84 34.30 24.84
C VAL B 88 -14.71 33.79 23.41
N PHE B 89 -14.14 34.61 22.53
CA PHE B 89 -13.90 34.23 21.15
C PHE B 89 -12.40 33.96 21.08
N VAL B 90 -12.02 32.81 20.51
CA VAL B 90 -10.61 32.45 20.40
C VAL B 90 -10.27 31.86 19.03
N MET B 91 -9.06 32.16 18.55
CA MET B 91 -8.53 31.68 17.28
C MET B 91 -6.99 31.55 17.41
N GLY B 92 -6.37 30.77 16.52
CA GLY B 92 -4.92 30.63 16.54
C GLY B 92 -4.34 31.97 16.10
N ASP B 93 -3.16 32.33 16.61
CA ASP B 93 -2.59 33.62 16.28
C ASP B 93 -2.23 33.91 14.83
N ASP B 94 -2.59 33.04 13.91
CA ASP B 94 -2.30 33.37 12.52
C ASP B 94 -3.46 34.30 12.09
N TRP B 95 -4.41 34.47 13.00
CA TRP B 95 -5.56 35.34 12.78
C TRP B 95 -5.47 36.57 13.70
N GLU B 96 -4.33 36.73 14.39
CA GLU B 96 -4.17 37.85 15.31
C GLU B 96 -4.54 39.21 14.73
N GLY B 97 -5.37 39.93 15.48
CA GLY B 97 -5.81 41.25 15.05
C GLY B 97 -6.99 41.25 14.10
N LYS B 98 -7.13 40.19 13.30
CA LYS B 98 -8.23 40.11 12.32
C LYS B 98 -9.65 40.09 12.87
N PHE B 99 -9.83 39.74 14.14
CA PHE B 99 -11.17 39.70 14.72
C PHE B 99 -11.38 40.66 15.88
N ASP B 100 -10.48 41.65 16.03
CA ASP B 100 -10.60 42.58 17.12
C ASP B 100 -11.86 43.43 17.07
N PHE B 101 -12.56 43.41 15.93
CA PHE B 101 -13.80 44.18 15.80
C PHE B 101 -14.90 43.57 16.65
N LEU B 102 -14.62 42.41 17.25
CA LEU B 102 -15.60 41.74 18.09
C LEU B 102 -15.46 42.12 19.57
N LYS B 103 -14.41 42.86 19.90
CA LYS B 103 -14.16 43.26 21.29
C LYS B 103 -15.29 44.04 21.95
N ASP B 104 -16.15 44.70 21.17
CA ASP B 104 -17.25 45.44 21.78
C ASP B 104 -18.37 44.51 22.22
N GLN B 105 -18.23 43.24 21.87
CA GLN B 105 -19.24 42.23 22.18
C GLN B 105 -18.75 41.19 23.19
N CYS B 106 -17.50 40.77 23.04
CA CYS B 106 -16.95 39.75 23.92
C CYS B 106 -15.43 39.84 24.02
N GLU B 107 -14.85 38.94 24.83
CA GLU B 107 -13.41 38.88 25.03
C GLU B 107 -12.79 38.12 23.86
N VAL B 108 -11.79 38.73 23.21
CA VAL B 108 -11.13 38.11 22.06
C VAL B 108 -9.71 37.70 22.44
N VAL B 109 -9.35 36.45 22.14
CA VAL B 109 -8.02 35.95 22.48
C VAL B 109 -7.40 35.16 21.31
N TYR B 110 -6.08 35.25 21.19
CA TYR B 110 -5.35 34.54 20.15
C TYR B 110 -4.30 33.64 20.80
N LEU B 111 -4.29 32.37 20.41
CA LEU B 111 -3.36 31.38 20.95
C LEU B 111 -2.27 31.08 19.92
N PRO B 112 -1.01 30.95 20.37
CA PRO B 112 0.08 30.65 19.43
C PRO B 112 -0.14 29.32 18.72
N ARG B 113 0.03 29.31 17.40
CA ARG B 113 -0.15 28.09 16.61
C ARG B 113 0.85 27.03 17.00
N THR B 114 0.55 25.79 16.63
CA THR B 114 1.48 24.70 16.88
C THR B 114 2.38 24.65 15.66
N GLU B 115 3.63 25.08 15.82
CA GLU B 115 4.56 25.08 14.69
C GLU B 115 4.98 23.68 14.31
N GLY B 116 5.16 23.44 13.02
CA GLY B 116 5.60 22.14 12.57
C GLY B 116 4.57 21.19 11.97
N ILE B 117 3.30 21.58 11.95
CA ILE B 117 2.26 20.70 11.40
C ILE B 117 1.14 21.54 10.78
N SER B 118 0.62 21.07 9.65
CA SER B 118 -0.46 21.76 8.96
C SER B 118 -1.05 20.84 7.92
N THR B 119 -2.27 21.16 7.50
CA THR B 119 -2.96 20.36 6.50
C THR B 119 -2.18 20.34 5.20
N THR B 120 -1.56 21.47 4.84
CA THR B 120 -0.75 21.53 3.62
C THR B 120 0.49 20.64 3.71
N LYS B 121 1.14 20.62 4.88
CA LYS B 121 2.34 19.79 5.04
C LYS B 121 1.98 18.32 4.84
N ILE B 122 0.93 17.86 5.51
CA ILE B 122 0.51 16.47 5.37
C ILE B 122 0.28 16.11 3.89
N LYS B 123 -0.38 17.00 3.14
CA LYS B 123 -0.66 16.75 1.72
C LYS B 123 0.57 16.76 0.84
N GLU B 124 1.48 17.70 1.09
CA GLU B 124 2.71 17.79 0.29
C GLU B 124 3.65 16.63 0.59
N GLU B 125 3.70 16.19 1.85
CA GLU B 125 4.58 15.09 2.21
C GLU B 125 4.02 13.74 1.74
N ILE B 126 2.70 13.59 1.75
CA ILE B 126 2.10 12.35 1.28
C ILE B 126 2.40 12.21 -0.20
N MET C 1 10.63 8.84 -31.76
CA MET C 1 9.72 7.66 -31.67
C MET C 1 8.60 7.87 -30.64
N LYS C 2 7.65 6.94 -30.62
CA LYS C 2 6.54 7.04 -29.68
C LYS C 2 6.93 6.27 -28.42
N LYS C 3 7.28 7.01 -27.37
CA LYS C 3 7.71 6.43 -26.10
C LYS C 3 6.57 6.30 -25.08
N VAL C 4 6.45 5.12 -24.48
CA VAL C 4 5.41 4.85 -23.50
C VAL C 4 5.99 4.61 -22.11
N ILE C 5 5.23 4.96 -21.08
CA ILE C 5 5.69 4.71 -19.73
C ILE C 5 4.57 4.11 -18.87
N THR C 6 4.96 3.29 -17.88
CA THR C 6 4.02 2.66 -16.95
C THR C 6 4.72 2.48 -15.60
N TYR C 7 3.92 2.36 -14.54
CA TYR C 7 4.46 2.21 -13.18
C TYR C 7 3.87 1.02 -12.43
N GLY C 8 4.66 0.41 -11.56
CA GLY C 8 4.17 -0.71 -10.79
C GLY C 8 5.25 -1.37 -9.93
N THR C 9 4.84 -2.34 -9.12
CA THR C 9 5.78 -3.06 -8.25
C THR C 9 6.37 -4.27 -8.97
N PHE C 10 5.51 -5.00 -9.67
CA PHE C 10 5.91 -6.19 -10.40
C PHE C 10 6.80 -7.13 -9.59
N ASP C 11 6.27 -7.65 -8.48
CA ASP C 11 7.04 -8.57 -7.63
C ASP C 11 6.92 -10.01 -8.10
N LEU C 12 5.94 -10.74 -7.58
CA LEU C 12 5.74 -12.12 -8.01
C LEU C 12 5.02 -12.03 -9.34
N LEU C 13 5.80 -12.05 -10.42
CA LEU C 13 5.29 -11.94 -11.77
C LEU C 13 4.25 -12.96 -12.19
N HIS C 14 3.22 -12.47 -12.86
CA HIS C 14 2.19 -13.36 -13.36
C HIS C 14 1.67 -12.92 -14.73
N TRP C 15 0.88 -13.80 -15.32
CA TRP C 15 0.29 -13.62 -16.65
C TRP C 15 -0.41 -12.27 -16.80
N GLY C 16 -0.99 -11.79 -15.70
CA GLY C 16 -1.68 -10.50 -15.74
C GLY C 16 -0.68 -9.37 -15.97
N HIS C 17 0.48 -9.48 -15.35
CA HIS C 17 1.53 -8.47 -15.49
C HIS C 17 2.08 -8.53 -16.93
N ILE C 18 2.23 -9.73 -17.46
CA ILE C 18 2.74 -9.92 -18.82
C ILE C 18 1.89 -9.24 -19.90
N LYS C 19 0.58 -9.49 -19.87
CA LYS C 19 -0.35 -8.93 -20.84
C LYS C 19 -0.37 -7.41 -20.78
N LEU C 20 -0.21 -6.86 -19.57
CA LEU C 20 -0.19 -5.42 -19.38
C LEU C 20 1.00 -4.83 -20.13
N LEU C 21 2.18 -5.42 -19.91
CA LEU C 21 3.42 -4.97 -20.55
C LEU C 21 3.37 -5.12 -22.07
N GLU C 22 2.76 -6.20 -22.53
CA GLU C 22 2.62 -6.48 -23.97
C GLU C 22 1.78 -5.42 -24.65
N ARG C 23 0.63 -5.11 -24.06
CA ARG C 23 -0.26 -4.10 -24.65
C ARG C 23 0.33 -2.70 -24.52
N ALA C 24 1.00 -2.44 -23.39
CA ALA C 24 1.62 -1.14 -23.18
C ALA C 24 2.63 -0.87 -24.30
N LYS C 25 3.47 -1.86 -24.58
CA LYS C 25 4.50 -1.73 -25.62
C LYS C 25 4.00 -1.54 -27.05
N GLN C 26 2.96 -2.28 -27.43
CA GLN C 26 2.47 -2.14 -28.80
C GLN C 26 1.70 -0.84 -28.99
N LEU C 27 1.62 -0.06 -27.92
CA LEU C 27 0.94 1.23 -27.94
C LEU C 27 1.95 2.27 -28.46
N GLY C 28 3.17 1.83 -28.68
CA GLY C 28 4.21 2.71 -29.16
C GLY C 28 5.43 1.97 -29.70
N ASP C 29 6.59 2.62 -29.68
CA ASP C 29 7.83 2.05 -30.18
C ASP C 29 8.82 1.67 -29.08
N TYR C 30 8.63 2.25 -27.90
CA TYR C 30 9.57 2.04 -26.80
C TYR C 30 8.82 2.12 -25.46
N LEU C 31 9.21 1.27 -24.51
CA LEU C 31 8.57 1.25 -23.20
C LEU C 31 9.50 1.40 -22.00
N VAL C 32 9.24 2.43 -21.21
CA VAL C 32 10.02 2.65 -19.99
C VAL C 32 9.10 2.20 -18.85
N VAL C 33 9.64 1.42 -17.91
CA VAL C 33 8.85 0.97 -16.76
C VAL C 33 9.50 1.50 -15.50
N ALA C 34 8.75 2.22 -14.68
CA ALA C 34 9.27 2.76 -13.43
C ALA C 34 8.79 1.84 -12.31
N ILE C 35 9.72 1.09 -11.73
CA ILE C 35 9.36 0.16 -10.68
C ILE C 35 9.54 0.73 -9.27
N SER C 36 8.50 0.57 -8.47
CA SER C 36 8.47 1.05 -7.09
C SER C 36 9.67 0.57 -6.28
N THR C 37 10.34 1.50 -5.59
CA THR C 37 11.47 1.12 -4.74
C THR C 37 10.81 0.43 -3.55
N ASP C 38 11.54 -0.38 -2.78
CA ASP C 38 10.92 -1.05 -1.64
C ASP C 38 10.40 -0.02 -0.64
N GLU C 39 11.05 1.14 -0.58
CA GLU C 39 10.62 2.20 0.33
C GLU C 39 9.27 2.74 -0.14
N PHE C 40 9.12 2.94 -1.45
CA PHE C 40 7.85 3.45 -1.96
C PHE C 40 6.77 2.37 -1.90
N ASN C 41 7.19 1.12 -1.99
CA ASN C 41 6.28 0.00 -1.93
C ASN C 41 5.64 0.05 -0.54
N LEU C 42 6.47 0.38 0.44
CA LEU C 42 6.04 0.50 1.84
C LEU C 42 4.94 1.55 1.88
N GLN C 43 5.12 2.63 1.13
CA GLN C 43 4.13 3.71 1.09
C GLN C 43 2.79 3.17 0.62
N LYS C 44 2.84 2.15 -0.23
CA LYS C 44 1.63 1.53 -0.76
C LYS C 44 1.23 0.36 0.14
N GLN C 45 1.77 0.36 1.35
CA GLN C 45 1.49 -0.68 2.35
C GLN C 45 1.75 -2.10 1.86
N LYS C 46 2.87 -2.28 1.18
CA LYS C 46 3.29 -3.58 0.65
C LYS C 46 4.79 -3.78 0.84
N LYS C 47 5.20 -5.04 0.89
CA LYS C 47 6.62 -5.40 1.02
C LYS C 47 6.80 -6.56 0.05
N ALA C 48 7.57 -6.33 -1.01
CA ALA C 48 7.79 -7.35 -2.03
C ALA C 48 8.79 -8.40 -1.57
N TYR C 49 8.65 -9.64 -2.07
CA TYR C 49 9.57 -10.68 -1.69
C TYR C 49 10.92 -10.50 -2.39
N HIS C 50 10.87 -9.89 -3.56
CA HIS C 50 12.06 -9.62 -4.35
C HIS C 50 12.49 -8.16 -4.16
N SER C 51 13.77 -7.96 -3.92
CA SER C 51 14.31 -6.61 -3.73
C SER C 51 14.14 -5.82 -5.02
N TYR C 52 14.18 -4.50 -4.90
CA TYR C 52 14.06 -3.62 -6.05
C TYR C 52 15.07 -3.98 -7.13
N GLU C 53 16.32 -4.15 -6.71
CA GLU C 53 17.40 -4.48 -7.63
C GLU C 53 17.08 -5.73 -8.43
N HIS C 54 16.50 -6.72 -7.77
CA HIS C 54 16.18 -7.97 -8.44
C HIS C 54 14.89 -7.93 -9.27
N ARG C 55 13.92 -7.14 -8.84
CA ARG C 55 12.69 -7.04 -9.61
C ARG C 55 13.04 -6.31 -10.91
N LYS C 56 14.02 -5.41 -10.82
CA LYS C 56 14.48 -4.65 -11.97
C LYS C 56 15.30 -5.53 -12.91
N LEU C 57 16.15 -6.37 -12.33
CA LEU C 57 17.00 -7.26 -13.12
C LEU C 57 16.16 -8.17 -14.03
N ILE C 58 15.12 -8.79 -13.49
CA ILE C 58 14.30 -9.67 -14.32
C ILE C 58 13.45 -8.89 -15.32
N LEU C 59 12.84 -7.79 -14.88
CA LEU C 59 12.02 -6.98 -15.77
C LEU C 59 12.77 -6.53 -17.04
N GLU C 60 14.02 -6.11 -16.87
CA GLU C 60 14.84 -5.68 -17.99
C GLU C 60 15.06 -6.74 -19.07
N THR C 61 14.76 -8.00 -18.75
CA THR C 61 14.96 -9.08 -19.72
C THR C 61 13.71 -9.43 -20.51
N ILE C 62 12.55 -8.95 -20.06
CA ILE C 62 11.29 -9.20 -20.77
C ILE C 62 11.43 -8.42 -22.09
N ARG C 63 11.18 -9.08 -23.21
CA ARG C 63 11.34 -8.44 -24.53
C ARG C 63 10.51 -7.19 -24.79
N TYR C 64 9.47 -6.99 -23.99
CA TYR C 64 8.60 -5.83 -24.14
C TYR C 64 9.17 -4.57 -23.50
N VAL C 65 10.01 -4.75 -22.50
CA VAL C 65 10.60 -3.65 -21.75
C VAL C 65 11.93 -3.15 -22.31
N ASP C 66 12.00 -1.86 -22.63
CA ASP C 66 13.23 -1.27 -23.17
C ASP C 66 14.10 -0.63 -22.11
N GLU C 67 13.48 -0.15 -21.03
CA GLU C 67 14.24 0.52 -19.98
C GLU C 67 13.50 0.51 -18.62
N VAL C 68 14.27 0.46 -17.54
CA VAL C 68 13.72 0.47 -16.18
C VAL C 68 14.30 1.59 -15.33
N ILE C 69 13.42 2.32 -14.64
CA ILE C 69 13.86 3.40 -13.75
C ILE C 69 13.18 3.21 -12.39
N PRO C 70 13.70 3.85 -11.35
CA PRO C 70 13.09 3.69 -10.03
C PRO C 70 11.87 4.59 -9.76
N GLU C 71 10.86 4.05 -9.04
CA GLU C 71 9.68 4.83 -8.66
C GLU C 71 9.80 4.96 -7.13
N LYS C 72 10.20 6.13 -6.66
CA LYS C 72 10.40 6.37 -5.24
C LYS C 72 9.23 7.08 -4.55
N ASN C 73 8.41 7.80 -5.33
CA ASN C 73 7.28 8.51 -4.75
C ASN C 73 6.19 8.79 -5.78
N TRP C 74 5.19 9.57 -5.37
CA TRP C 74 4.08 9.93 -6.26
C TRP C 74 4.38 11.13 -7.15
N GLU C 75 4.96 12.15 -6.55
CA GLU C 75 5.27 13.38 -7.25
C GLU C 75 6.06 13.30 -8.56
N GLN C 76 7.05 12.42 -8.63
CA GLN C 76 7.91 12.30 -9.82
C GLN C 76 7.29 12.16 -11.21
N LYS C 77 6.07 11.63 -11.29
CA LYS C 77 5.42 11.45 -12.59
C LYS C 77 5.55 12.67 -13.49
N LYS C 78 5.48 13.85 -12.88
CA LYS C 78 5.59 15.13 -13.59
C LYS C 78 6.86 15.19 -14.41
N GLN C 79 7.98 15.28 -13.71
CA GLN C 79 9.31 15.37 -14.30
C GLN C 79 9.69 14.14 -15.11
N ASP C 80 9.14 12.98 -14.76
CA ASP C 80 9.46 11.76 -15.51
C ASP C 80 9.05 11.88 -16.99
N ILE C 81 7.84 12.37 -17.23
CA ILE C 81 7.34 12.53 -18.59
C ILE C 81 8.21 13.46 -19.43
N ILE C 82 8.75 14.49 -18.77
CA ILE C 82 9.59 15.49 -19.43
C ILE C 82 10.97 14.91 -19.74
N ASP C 83 11.64 14.41 -18.69
CA ASP C 83 12.97 13.86 -18.84
C ASP C 83 13.07 12.71 -19.84
N HIS C 84 12.04 11.87 -19.88
CA HIS C 84 12.05 10.72 -20.80
C HIS C 84 11.32 10.93 -22.11
N ASN C 85 10.94 12.17 -22.40
CA ASN C 85 10.23 12.51 -23.62
C ASN C 85 9.08 11.51 -23.88
N ILE C 86 8.24 11.31 -22.87
CA ILE C 86 7.12 10.38 -22.98
C ILE C 86 5.91 10.94 -23.73
N ASP C 87 5.34 10.13 -24.61
CA ASP C 87 4.16 10.50 -25.40
C ASP C 87 2.89 9.82 -24.87
N VAL C 88 3.06 8.64 -24.28
CA VAL C 88 1.92 7.87 -23.77
C VAL C 88 2.14 7.30 -22.36
N PHE C 89 1.19 7.57 -21.46
CA PHE C 89 1.22 7.08 -20.07
C PHE C 89 0.10 6.05 -19.93
N VAL C 90 0.45 4.84 -19.50
CA VAL C 90 -0.53 3.77 -19.37
C VAL C 90 -0.52 2.98 -18.06
N MET C 91 -1.70 2.55 -17.62
CA MET C 91 -1.88 1.74 -16.40
C MET C 91 -3.07 0.80 -16.56
N GLY C 92 -3.14 -0.24 -15.73
CA GLY C 92 -4.28 -1.15 -15.78
C GLY C 92 -5.48 -0.34 -15.28
N ASP C 93 -6.68 -0.61 -15.77
CA ASP C 93 -7.84 0.19 -15.37
C ASP C 93 -8.32 0.16 -13.94
N ASP C 94 -7.61 -0.53 -13.05
CA ASP C 94 -8.02 -0.50 -11.66
C ASP C 94 -7.45 0.81 -11.11
N TRP C 95 -6.73 1.52 -11.97
CA TRP C 95 -6.13 2.81 -11.63
C TRP C 95 -6.78 3.95 -12.40
N GLU C 96 -7.83 3.62 -13.15
CA GLU C 96 -8.52 4.61 -13.96
C GLU C 96 -8.92 5.89 -13.21
N GLY C 97 -8.69 7.03 -13.85
CA GLY C 97 -9.03 8.32 -13.24
C GLY C 97 -7.99 8.86 -12.27
N LYS C 98 -7.23 7.97 -11.64
CA LYS C 98 -6.21 8.37 -10.66
C LYS C 98 -5.09 9.25 -11.20
N PHE C 99 -4.80 9.15 -12.49
CA PHE C 99 -3.72 9.94 -13.07
C PHE C 99 -4.11 10.79 -14.29
N ASP C 100 -5.39 11.14 -14.37
CA ASP C 100 -5.89 11.93 -15.50
C ASP C 100 -5.27 13.33 -15.55
N PHE C 101 -4.63 13.75 -14.45
CA PHE C 101 -4.00 15.06 -14.38
C PHE C 101 -2.79 15.20 -15.32
N LEU C 102 -2.31 14.07 -15.83
CA LEU C 102 -1.17 14.08 -16.74
C LEU C 102 -1.57 14.44 -18.17
N LYS C 103 -2.86 14.70 -18.40
CA LYS C 103 -3.36 15.03 -19.73
C LYS C 103 -2.89 16.37 -20.31
N ASP C 104 -2.35 17.24 -19.48
CA ASP C 104 -1.86 18.52 -19.99
C ASP C 104 -0.50 18.28 -20.62
N GLN C 105 0.04 17.07 -20.42
CA GLN C 105 1.34 16.69 -20.93
C GLN C 105 1.36 15.61 -22.02
N CYS C 106 0.60 14.53 -21.82
CA CYS C 106 0.58 13.41 -22.78
C CYS C 106 -0.75 12.66 -22.82
N GLU C 107 -0.80 11.59 -23.61
CA GLU C 107 -2.00 10.74 -23.68
C GLU C 107 -2.05 9.92 -22.40
N VAL C 108 -3.26 9.74 -21.86
CA VAL C 108 -3.44 8.95 -20.65
C VAL C 108 -4.37 7.79 -21.02
N VAL C 109 -3.83 6.57 -20.98
CA VAL C 109 -4.64 5.40 -21.34
C VAL C 109 -4.75 4.42 -20.18
N TYR C 110 -5.89 3.77 -20.07
CA TYR C 110 -6.08 2.76 -19.02
C TYR C 110 -6.52 1.47 -19.71
N LEU C 111 -5.68 0.44 -19.61
CA LEU C 111 -5.98 -0.85 -20.22
C LEU C 111 -6.74 -1.79 -19.30
N PRO C 112 -7.72 -2.52 -19.84
CA PRO C 112 -8.51 -3.45 -19.02
C PRO C 112 -7.59 -4.42 -18.30
N ARG C 113 -7.69 -4.48 -16.98
CA ARG C 113 -6.83 -5.38 -16.21
C ARG C 113 -7.22 -6.84 -16.47
N THR C 114 -6.35 -7.76 -16.05
CA THR C 114 -6.62 -9.16 -16.23
C THR C 114 -7.46 -9.69 -15.07
N GLU C 115 -8.67 -10.15 -15.36
CA GLU C 115 -9.56 -10.66 -14.33
C GLU C 115 -9.20 -12.10 -13.97
N GLY C 116 -9.18 -12.40 -12.69
CA GLY C 116 -8.86 -13.74 -12.23
C GLY C 116 -7.47 -13.87 -11.63
N ILE C 117 -6.80 -12.74 -11.39
CA ILE C 117 -5.46 -12.79 -10.81
C ILE C 117 -4.94 -11.42 -10.33
N SER C 118 -3.90 -11.46 -9.52
CA SER C 118 -3.25 -10.27 -8.96
C SER C 118 -2.22 -10.77 -7.95
N THR C 119 -1.20 -9.96 -7.68
CA THR C 119 -0.14 -10.35 -6.75
C THR C 119 -0.66 -10.89 -5.42
N THR C 120 -1.82 -10.39 -4.98
CA THR C 120 -2.41 -10.83 -3.72
C THR C 120 -2.97 -12.25 -3.79
N LYS C 121 -3.56 -12.59 -4.93
CA LYS C 121 -4.13 -13.93 -5.12
C LYS C 121 -3.03 -14.98 -5.04
N ILE C 122 -1.78 -14.54 -5.15
CA ILE C 122 -0.63 -15.44 -5.08
C ILE C 122 -0.22 -15.64 -3.62
N LYS C 123 -0.20 -14.53 -2.88
CA LYS C 123 0.17 -14.55 -1.47
C LYS C 123 -0.99 -15.12 -0.64
N GLU C 124 -1.49 -16.28 -1.06
CA GLU C 124 -2.61 -16.93 -0.37
C GLU C 124 -2.55 -18.46 -0.45
N GLU C 125 -2.71 -18.99 -1.66
CA GLU C 125 -2.68 -20.44 -1.87
C GLU C 125 -1.33 -21.09 -1.56
N ILE C 126 -0.40 -20.31 -1.04
CA ILE C 126 0.91 -20.85 -0.71
C ILE C 126 1.08 -20.90 0.82
N MET D 1 23.70 -22.66 -37.07
CA MET D 1 23.86 -22.01 -35.73
C MET D 1 24.34 -23.02 -34.70
N LYS D 2 24.90 -22.52 -33.61
CA LYS D 2 25.34 -23.38 -32.52
C LYS D 2 24.11 -23.33 -31.59
N LYS D 3 23.34 -24.41 -31.53
CA LYS D 3 22.13 -24.40 -30.70
C LYS D 3 22.33 -24.99 -29.31
N VAL D 4 21.72 -24.35 -28.31
CA VAL D 4 21.81 -24.75 -26.89
C VAL D 4 20.41 -25.15 -26.40
N ILE D 5 20.34 -26.03 -25.39
CA ILE D 5 19.07 -26.48 -24.82
C ILE D 5 19.23 -26.66 -23.30
N THR D 6 18.13 -26.44 -22.58
CA THR D 6 18.14 -26.62 -21.13
C THR D 6 16.72 -27.00 -20.72
N TYR D 7 16.57 -27.74 -19.63
CA TYR D 7 15.27 -28.21 -19.15
C TYR D 7 14.97 -27.76 -17.73
N GLY D 8 13.69 -27.50 -17.44
CA GLY D 8 13.33 -27.07 -16.10
C GLY D 8 11.85 -26.74 -15.95
N THR D 9 11.42 -26.51 -14.71
CA THR D 9 10.03 -26.19 -14.40
C THR D 9 9.80 -24.69 -14.53
N PHE D 10 10.77 -23.92 -14.03
CA PHE D 10 10.70 -22.46 -14.09
C PHE D 10 9.42 -21.88 -13.51
N ASP D 11 9.14 -22.26 -12.27
CA ASP D 11 7.96 -21.79 -11.54
C ASP D 11 8.36 -20.54 -10.76
N LEU D 12 7.51 -19.51 -10.81
CA LEU D 12 7.82 -18.27 -10.12
C LEU D 12 9.16 -17.69 -10.60
N LEU D 13 9.31 -17.67 -11.92
CA LEU D 13 10.50 -17.16 -12.61
C LEU D 13 11.20 -16.01 -11.88
N HIS D 14 12.46 -16.21 -11.51
CA HIS D 14 13.22 -15.18 -10.79
C HIS D 14 14.61 -14.96 -11.36
N TRP D 15 15.32 -13.96 -10.85
CA TRP D 15 16.65 -13.65 -11.37
C TRP D 15 17.64 -14.82 -11.33
N GLY D 16 17.37 -15.83 -10.51
CA GLY D 16 18.25 -16.98 -10.47
C GLY D 16 18.11 -17.72 -11.78
N HIS D 17 16.86 -17.86 -12.23
CA HIS D 17 16.58 -18.52 -13.49
C HIS D 17 17.16 -17.71 -14.65
N ILE D 18 17.03 -16.38 -14.56
CA ILE D 18 17.53 -15.47 -15.58
C ILE D 18 19.04 -15.52 -15.77
N LYS D 19 19.79 -15.55 -14.67
CA LYS D 19 21.25 -15.62 -14.80
C LYS D 19 21.64 -16.95 -15.44
N LEU D 20 20.78 -17.95 -15.28
CA LEU D 20 21.03 -19.27 -15.86
C LEU D 20 20.76 -19.27 -17.37
N LEU D 21 19.69 -18.59 -17.78
CA LEU D 21 19.31 -18.51 -19.19
C LEU D 21 20.30 -17.66 -19.95
N GLU D 22 20.72 -16.59 -19.30
CA GLU D 22 21.68 -15.66 -19.86
C GLU D 22 22.96 -16.40 -20.21
N ARG D 23 23.48 -17.18 -19.26
CA ARG D 23 24.71 -17.94 -19.46
C ARG D 23 24.59 -19.04 -20.51
N ALA D 24 23.44 -19.72 -20.57
CA ALA D 24 23.23 -20.77 -21.57
C ALA D 24 23.20 -20.19 -22.98
N LYS D 25 22.47 -19.09 -23.17
CA LYS D 25 22.36 -18.42 -24.48
C LYS D 25 23.77 -17.99 -24.89
N GLN D 26 24.53 -17.52 -23.91
CA GLN D 26 25.89 -17.05 -24.06
C GLN D 26 26.84 -18.10 -24.64
N LEU D 27 26.53 -19.38 -24.45
CA LEU D 27 27.37 -20.46 -24.95
C LEU D 27 27.11 -20.77 -26.43
N GLY D 28 26.08 -20.15 -27.01
CA GLY D 28 25.76 -20.40 -28.40
C GLY D 28 25.04 -19.24 -29.08
N ASP D 29 24.41 -19.52 -30.22
CA ASP D 29 23.69 -18.50 -31.01
C ASP D 29 22.16 -18.55 -30.86
N TYR D 30 21.67 -19.62 -30.25
CA TYR D 30 20.23 -19.82 -30.13
C TYR D 30 19.94 -20.67 -28.89
N LEU D 31 18.88 -20.35 -28.17
CA LEU D 31 18.52 -21.12 -26.97
C LEU D 31 17.10 -21.69 -26.96
N VAL D 32 17.01 -23.01 -26.76
CA VAL D 32 15.74 -23.72 -26.67
C VAL D 32 15.54 -24.20 -25.23
N VAL D 33 14.34 -23.98 -24.69
CA VAL D 33 14.02 -24.41 -23.34
C VAL D 33 12.78 -25.30 -23.35
N ALA D 34 12.85 -26.41 -22.62
CA ALA D 34 11.73 -27.33 -22.53
C ALA D 34 11.18 -27.28 -21.11
N ILE D 35 10.02 -26.66 -20.91
CA ILE D 35 9.43 -26.57 -19.57
C ILE D 35 8.61 -27.77 -19.21
N SER D 36 8.71 -28.16 -17.96
CA SER D 36 8.01 -29.33 -17.44
C SER D 36 6.49 -29.16 -17.38
N THR D 37 5.76 -30.13 -17.93
CA THR D 37 4.29 -30.10 -17.86
C THR D 37 3.99 -30.36 -16.38
N ASP D 38 2.81 -29.98 -15.91
CA ASP D 38 2.51 -30.20 -14.50
C ASP D 38 2.58 -31.70 -14.21
N GLU D 39 2.28 -32.52 -15.22
CA GLU D 39 2.34 -33.96 -15.06
C GLU D 39 3.78 -34.44 -14.79
N PHE D 40 4.73 -34.00 -15.62
CA PHE D 40 6.12 -34.41 -15.43
C PHE D 40 6.70 -33.81 -14.15
N ASN D 41 6.16 -32.66 -13.72
CA ASN D 41 6.63 -32.02 -12.50
C ASN D 41 6.35 -32.97 -11.34
N LEU D 42 5.21 -33.67 -11.40
CA LEU D 42 4.82 -34.61 -10.35
C LEU D 42 5.85 -35.74 -10.23
N GLN D 43 6.46 -36.08 -11.36
CA GLN D 43 7.47 -37.15 -11.34
C GLN D 43 8.75 -36.67 -10.67
N LYS D 44 8.85 -35.36 -10.46
CA LYS D 44 10.00 -34.77 -9.78
C LYS D 44 9.58 -34.42 -8.35
N GLN D 45 8.42 -34.94 -7.95
CA GLN D 45 7.85 -34.72 -6.62
C GLN D 45 7.57 -33.26 -6.33
N LYS D 46 7.11 -32.53 -7.35
CA LYS D 46 6.80 -31.11 -7.20
C LYS D 46 5.43 -30.72 -7.76
N LYS D 47 4.95 -29.58 -7.30
CA LYS D 47 3.66 -29.03 -7.72
C LYS D 47 3.87 -27.52 -7.85
N ALA D 48 4.09 -27.06 -9.08
CA ALA D 48 4.33 -25.65 -9.36
C ALA D 48 3.16 -24.76 -8.95
N TYR D 49 3.45 -23.51 -8.61
CA TYR D 49 2.41 -22.57 -8.22
C TYR D 49 1.61 -22.12 -9.43
N HIS D 50 2.28 -22.02 -10.58
CA HIS D 50 1.64 -21.61 -11.82
C HIS D 50 1.46 -22.82 -12.73
N SER D 51 0.36 -22.86 -13.48
CA SER D 51 0.09 -23.97 -14.39
C SER D 51 1.09 -23.97 -15.54
N TYR D 52 1.20 -25.12 -16.21
CA TYR D 52 2.11 -25.26 -17.36
C TYR D 52 1.99 -24.15 -18.41
N GLU D 53 0.79 -23.92 -18.94
CA GLU D 53 0.60 -22.91 -19.97
C GLU D 53 0.99 -21.50 -19.51
N HIS D 54 0.72 -21.20 -18.26
CA HIS D 54 1.04 -19.89 -17.69
C HIS D 54 2.55 -19.70 -17.50
N ARG D 55 3.24 -20.73 -17.01
CA ARG D 55 4.69 -20.63 -16.82
C ARG D 55 5.35 -20.51 -18.19
N LYS D 56 4.75 -21.15 -19.20
CA LYS D 56 5.27 -21.13 -20.56
C LYS D 56 5.10 -19.76 -21.22
N LEU D 57 3.94 -19.13 -21.01
CA LEU D 57 3.71 -17.81 -21.59
C LEU D 57 4.76 -16.83 -21.04
N ILE D 58 5.01 -16.92 -19.74
CA ILE D 58 5.98 -16.05 -19.07
C ILE D 58 7.42 -16.24 -19.57
N LEU D 59 7.90 -17.49 -19.57
CA LEU D 59 9.25 -17.80 -20.03
C LEU D 59 9.48 -17.25 -21.44
N GLU D 60 8.51 -17.51 -22.33
CA GLU D 60 8.61 -17.08 -23.73
C GLU D 60 8.88 -15.59 -23.96
N THR D 61 8.75 -14.76 -22.92
CA THR D 61 8.99 -13.33 -23.09
C THR D 61 10.44 -12.93 -22.80
N ILE D 62 11.19 -13.80 -22.13
CA ILE D 62 12.58 -13.51 -21.79
C ILE D 62 13.44 -13.47 -23.06
N ARG D 63 14.10 -12.34 -23.27
CA ARG D 63 14.95 -12.10 -24.44
C ARG D 63 15.91 -13.24 -24.81
N TYR D 64 16.50 -13.88 -23.80
CA TYR D 64 17.46 -14.95 -24.05
C TYR D 64 16.85 -16.20 -24.68
N VAL D 65 15.57 -16.43 -24.45
CA VAL D 65 14.90 -17.62 -24.97
C VAL D 65 14.33 -17.43 -26.38
N ASP D 66 14.76 -18.29 -27.30
CA ASP D 66 14.31 -18.22 -28.67
C ASP D 66 13.01 -18.99 -28.86
N GLU D 67 12.88 -20.13 -28.17
CA GLU D 67 11.66 -20.92 -28.28
C GLU D 67 11.52 -21.91 -27.14
N VAL D 68 10.27 -22.29 -26.85
CA VAL D 68 9.95 -23.19 -25.77
C VAL D 68 9.10 -24.38 -26.21
N ILE D 69 9.47 -25.58 -25.75
CA ILE D 69 8.76 -26.81 -26.06
C ILE D 69 8.42 -27.53 -24.74
N PRO D 70 7.52 -28.51 -24.79
CA PRO D 70 7.18 -29.20 -23.54
C PRO D 70 8.16 -30.32 -23.15
N GLU D 71 8.34 -30.49 -21.83
CA GLU D 71 9.17 -31.56 -21.26
C GLU D 71 8.13 -32.46 -20.57
N LYS D 72 7.81 -33.58 -21.22
CA LYS D 72 6.81 -34.50 -20.71
C LYS D 72 7.34 -35.71 -19.97
N ASN D 73 8.58 -36.11 -20.26
CA ASN D 73 9.20 -37.27 -19.62
C ASN D 73 10.72 -37.28 -19.73
N TRP D 74 11.36 -38.16 -18.95
CA TRP D 74 12.82 -38.26 -18.94
C TRP D 74 13.42 -38.77 -20.25
N GLU D 75 12.76 -39.73 -20.88
CA GLU D 75 13.28 -40.32 -22.11
C GLU D 75 13.35 -39.47 -23.38
N GLN D 76 12.68 -38.33 -23.41
CA GLN D 76 12.67 -37.51 -24.61
C GLN D 76 13.97 -36.74 -24.94
N LYS D 77 14.92 -36.66 -24.01
CA LYS D 77 16.13 -35.90 -24.29
C LYS D 77 16.92 -36.23 -25.55
N LYS D 78 17.28 -37.50 -25.74
CA LYS D 78 18.02 -37.87 -26.93
C LYS D 78 17.34 -37.47 -28.22
N GLN D 79 16.03 -37.73 -28.31
CA GLN D 79 15.31 -37.37 -29.52
C GLN D 79 15.29 -35.85 -29.72
N ASP D 80 15.11 -35.09 -28.65
CA ASP D 80 15.10 -33.63 -28.77
C ASP D 80 16.38 -33.12 -29.41
N ILE D 81 17.51 -33.60 -28.93
CA ILE D 81 18.81 -33.17 -29.44
C ILE D 81 18.95 -33.41 -30.94
N ILE D 82 18.34 -34.48 -31.42
CA ILE D 82 18.38 -34.81 -32.84
C ILE D 82 17.40 -33.93 -33.61
N ASP D 83 16.14 -33.90 -33.16
CA ASP D 83 15.12 -33.10 -33.84
C ASP D 83 15.48 -31.61 -33.89
N HIS D 84 16.07 -31.09 -32.82
CA HIS D 84 16.42 -29.67 -32.76
C HIS D 84 17.87 -29.30 -33.12
N ASN D 85 18.63 -30.26 -33.61
CA ASN D 85 20.02 -30.01 -34.01
C ASN D 85 20.81 -29.32 -32.90
N ILE D 86 20.65 -29.82 -31.69
CA ILE D 86 21.31 -29.27 -30.52
C ILE D 86 22.82 -29.54 -30.46
N ASP D 87 23.59 -28.51 -30.11
CA ASP D 87 25.05 -28.62 -29.99
C ASP D 87 25.54 -28.55 -28.55
N VAL D 88 24.77 -27.89 -27.69
CA VAL D 88 25.17 -27.75 -26.29
C VAL D 88 23.99 -27.95 -25.34
N PHE D 89 24.21 -28.76 -24.31
CA PHE D 89 23.22 -29.07 -23.29
C PHE D 89 23.70 -28.45 -21.99
N VAL D 90 22.86 -27.63 -21.35
CA VAL D 90 23.22 -26.96 -20.09
C VAL D 90 22.18 -27.16 -18.95
N MET D 91 22.69 -27.35 -17.73
CA MET D 91 21.88 -27.50 -16.51
C MET D 91 22.68 -26.94 -15.31
N GLY D 92 21.99 -26.44 -14.29
CA GLY D 92 22.68 -25.90 -13.12
C GLY D 92 23.47 -27.01 -12.44
N ASP D 93 24.39 -26.66 -11.53
CA ASP D 93 25.18 -27.71 -10.91
C ASP D 93 24.50 -28.63 -9.91
N ASP D 94 23.20 -28.46 -9.68
CA ASP D 94 22.53 -29.39 -8.77
C ASP D 94 22.16 -30.66 -9.55
N TRP D 95 22.53 -30.70 -10.83
CA TRP D 95 22.31 -31.86 -11.69
C TRP D 95 23.64 -32.41 -12.19
N GLU D 96 24.73 -31.92 -11.60
CA GLU D 96 26.09 -32.33 -11.96
C GLU D 96 26.21 -33.82 -12.23
N GLY D 97 26.69 -34.17 -13.42
CA GLY D 97 26.88 -35.57 -13.78
C GLY D 97 25.65 -36.38 -14.14
N LYS D 98 24.47 -35.89 -13.74
CA LYS D 98 23.22 -36.60 -14.02
C LYS D 98 22.89 -36.82 -15.50
N PHE D 99 23.48 -36.02 -16.38
CA PHE D 99 23.20 -36.19 -17.81
C PHE D 99 24.45 -36.43 -18.65
N ASP D 100 25.43 -37.14 -18.09
CA ASP D 100 26.65 -37.40 -18.84
C ASP D 100 26.44 -38.38 -19.99
N PHE D 101 25.30 -39.06 -20.02
CA PHE D 101 25.03 -40.01 -21.10
C PHE D 101 24.75 -39.30 -22.41
N LEU D 102 24.54 -37.98 -22.34
CA LEU D 102 24.29 -37.20 -23.56
C LEU D 102 25.61 -36.74 -24.19
N LYS D 103 26.74 -37.01 -23.54
CA LYS D 103 28.03 -36.56 -24.08
C LYS D 103 28.45 -37.09 -25.44
N ASP D 104 27.91 -38.24 -25.85
CA ASP D 104 28.28 -38.79 -27.15
C ASP D 104 27.47 -38.08 -28.23
N GLN D 105 26.52 -37.25 -27.82
CA GLN D 105 25.67 -36.52 -28.75
C GLN D 105 25.98 -35.03 -28.86
N CYS D 106 26.37 -34.42 -27.74
CA CYS D 106 26.66 -32.99 -27.72
C CYS D 106 27.53 -32.64 -26.52
N GLU D 107 27.91 -31.37 -26.40
CA GLU D 107 28.72 -30.94 -25.28
C GLU D 107 27.80 -30.77 -24.08
N VAL D 108 28.19 -31.29 -22.93
CA VAL D 108 27.38 -31.18 -21.72
C VAL D 108 28.06 -30.23 -20.74
N VAL D 109 27.32 -29.21 -20.31
CA VAL D 109 27.86 -28.21 -19.40
C VAL D 109 27.03 -28.03 -18.12
N TYR D 110 27.70 -28.00 -16.98
CA TYR D 110 27.02 -27.81 -15.71
C TYR D 110 27.49 -26.48 -15.14
N LEU D 111 26.56 -25.55 -14.96
CA LEU D 111 26.91 -24.20 -14.44
C LEU D 111 26.53 -24.04 -12.97
N PRO D 112 27.36 -23.31 -12.20
CA PRO D 112 27.05 -23.10 -10.79
C PRO D 112 25.74 -22.36 -10.60
N ARG D 113 24.90 -22.85 -9.70
CA ARG D 113 23.61 -22.22 -9.42
C ARG D 113 23.84 -20.83 -8.89
N THR D 114 22.77 -20.04 -8.87
CA THR D 114 22.86 -18.68 -8.32
C THR D 114 22.47 -18.77 -6.85
N GLU D 115 23.33 -18.27 -5.96
CA GLU D 115 23.05 -18.31 -4.54
C GLU D 115 22.17 -17.11 -4.15
N GLY D 116 21.43 -17.26 -3.06
CA GLY D 116 20.58 -16.17 -2.60
C GLY D 116 19.15 -16.13 -3.11
N ILE D 117 18.74 -17.15 -3.86
CA ILE D 117 17.38 -17.22 -4.40
C ILE D 117 16.93 -18.66 -4.61
N SER D 118 15.69 -18.97 -4.27
CA SER D 118 15.16 -20.33 -4.44
C SER D 118 13.63 -20.35 -4.60
N THR D 119 13.14 -21.07 -5.61
CA THR D 119 11.70 -21.18 -5.84
C THR D 119 11.07 -21.94 -4.67
N THR D 120 11.81 -22.90 -4.14
CA THR D 120 11.32 -23.68 -3.01
C THR D 120 11.17 -22.76 -1.80
N LYS D 121 12.13 -21.84 -1.67
CA LYS D 121 12.17 -20.85 -0.59
C LYS D 121 10.96 -19.92 -0.67
N ILE D 122 10.73 -19.38 -1.86
CA ILE D 122 9.61 -18.48 -2.09
C ILE D 122 8.31 -19.06 -1.54
N LYS D 123 8.00 -20.29 -1.95
CA LYS D 123 6.80 -20.99 -1.52
C LYS D 123 6.72 -21.09 0.00
N GLU D 124 7.80 -21.57 0.60
CA GLU D 124 7.86 -21.73 2.04
C GLU D 124 7.67 -20.36 2.70
N GLU D 125 8.20 -19.32 2.07
CA GLU D 125 8.10 -17.96 2.57
C GLU D 125 6.67 -17.44 2.62
N ILE D 126 5.70 -18.35 2.60
CA ILE D 126 4.30 -17.97 2.65
C ILE D 126 3.59 -18.73 3.78
S SO4 E . -7.00 1.76 7.23
O1 SO4 E . -6.52 2.23 8.55
O2 SO4 E . -8.08 2.64 6.75
O3 SO4 E . -5.88 1.79 6.26
O4 SO4 E . -7.50 0.38 7.35
N1 C2G F . -11.25 -0.04 10.12
C2 C2G F . -12.59 -0.02 9.77
N3 C2G F . -13.06 0.56 8.64
C4 C2G F . -12.19 1.14 7.79
C5 C2G F . -10.83 1.16 8.06
C6 C2G F . -10.42 0.55 9.25
O2 C2G F . -13.46 -0.55 10.50
N4 C2G F . -12.68 1.71 6.69
C1' C2G F . -10.78 -0.62 11.41
C2' C2G F . -10.00 -1.87 11.21
O2' C2G F . -10.88 -2.93 10.91
C3' C2G F . -9.26 -1.99 12.52
C4' C2G F . -9.12 -0.54 12.99
O4' C2G F . -9.83 0.22 11.99
O3' C2G F . -9.97 -2.67 13.55
C5' C2G F . -7.61 -0.41 12.92
O5' C2G F . -7.12 0.34 11.82
PA C2G F . -5.55 0.00 11.34
O1A C2G F . -4.84 1.39 11.42
O2A C2G F . -5.59 -0.52 9.87
O3A C2G F . -4.82 -0.99 12.42
PB C2G F . -4.49 -2.53 11.93
O1B C2G F . -3.24 -2.49 10.97
O2B C2G F . -5.75 -3.17 11.24
O3B C2G F . -4.02 -3.32 13.31
O1G C2G F . -3.15 -6.63 16.31
C1G C2G F . -3.85 -6.13 15.17
C2G C2G F . -2.88 -5.18 14.54
O2G C2G F . -2.55 -4.10 15.45
C3G C2G F . -3.37 -4.59 13.24
S SO4 G . -4.15 23.72 9.13
O1 SO4 G . -3.15 22.87 9.78
O2 SO4 G . -3.94 23.69 7.67
O3 SO4 G . -5.50 23.22 9.44
O4 SO4 G . -4.02 25.11 9.62
N1 C2G H . -4.14 25.84 14.17
C2 C2G H . -3.11 25.83 15.10
N3 C2G H . -1.92 25.24 14.90
C4 C2G H . -1.70 24.61 13.72
C5 C2G H . -2.68 24.57 12.73
C6 C2G H . -3.87 25.20 13.02
O2 C2G H . -3.23 26.38 16.21
N4 C2G H . -0.51 24.03 13.56
C1' C2G H . -5.46 26.44 14.48
C2' C2G H . -5.69 27.69 13.70
O2' C2G H . -4.91 28.73 14.25
C3' C2G H . -7.19 27.84 13.82
C4' C2G H . -7.70 26.39 13.96
O4' C2G H . -6.50 25.61 14.02
O3' C2G H . -7.62 28.51 15.02
C5' C2G H . -8.46 26.22 12.67
O5' C2G H . -7.80 25.40 11.74
PA C2G H . -8.14 25.64 10.14
O1A C2G H . -8.61 24.22 9.67
O2A C2G H . -6.84 26.05 9.37
O3A C2G H . -9.42 26.65 9.94
PB C2G H . -9.15 28.23 9.52
O1B C2G H . -9.10 28.31 7.93
O2B C2G H . -7.85 28.77 10.19
O3B C2G H . -10.53 29.06 9.95
O1G C2G H . -13.33 32.68 10.54
C1G C2G H . -12.16 31.87 10.67
C2G C2G H . -12.21 30.96 9.49
O2G C2G H . -13.27 29.98 9.63
C3G C2G H . -10.89 30.22 9.21
N1 C2G I . -2.46 -5.38 -13.42
C2 C2G I . -3.31 -5.94 -14.33
N3 C2G I . -4.03 -7.05 -14.11
C4 C2G I . -3.95 -7.66 -12.93
C5 C2G I . -3.11 -7.17 -11.91
C6 C2G I . -2.39 -6.00 -12.20
O2 C2G I . -3.46 -5.43 -15.46
N4 C2G I . -4.68 -8.76 -12.76
C1' C2G I . -1.60 -4.22 -13.78
C2' C2G I . -1.98 -3.00 -13.01
O2' C2G I . -3.15 -2.46 -13.53
C3' C2G I . -0.73 -2.15 -13.12
C4' C2G I . 0.41 -3.17 -13.32
O4' C2G I . -0.26 -4.44 -13.39
O3' C2G I . -0.73 -1.32 -14.28
C5' C2G I . 1.18 -3.01 -12.03
O5' C2G I . 1.01 -4.13 -11.15
PA C2G I . 1.41 -3.98 -9.56
O1A C2G I . 2.60 -4.99 -9.42
O2A C2G I . 0.21 -4.48 -8.69
O3A C2G I . 1.94 -2.48 -9.16
PB C2G I . 0.83 -1.50 -8.42
O1B C2G I . 0.61 -2.03 -6.96
O2B C2G I . -0.50 -1.52 -9.24
O3B C2G I . 1.47 0.02 -8.22
O1G C2G I . 2.02 4.71 -9.36
C1G C2G I . 1.70 3.42 -9.93
C2G C2G I . 1.84 2.44 -8.80
O2G C2G I . 3.23 2.26 -8.42
C3G C2G I . 1.19 1.10 -9.12
S SO4 J . 15.09 -23.78 -6.60
O1 SO4 J . 14.84 -22.43 -7.14
O2 SO4 J . 15.65 -24.66 -7.64
O3 SO4 J . 16.06 -23.66 -5.49
O4 SO4 J . 13.82 -24.35 -6.09
N1 C2G K . 18.77 -22.79 -10.96
C2 C2G K . 19.83 -21.92 -10.73
N3 C2G K . 19.90 -21.13 -9.65
C4 C2G K . 18.91 -21.16 -8.73
C5 C2G K . 17.81 -22.00 -8.89
C6 C2G K . 17.79 -22.80 -10.02
O2 C2G K . 20.78 -21.82 -11.51
N4 C2G K . 19.04 -20.35 -7.69
C1' C2G K . 18.69 -23.57 -12.22
C2' C2G K . 18.81 -25.05 -11.96
O2' C2G K . 20.15 -25.38 -11.74
C3' C2G K . 18.18 -25.63 -13.21
C4' C2G K . 17.19 -24.56 -13.69
O4' C2G K . 17.39 -23.46 -12.79
O3' C2G K . 19.08 -25.83 -14.29
C5' C2G K . 15.88 -25.27 -13.52
O5' C2G K . 15.11 -24.78 -12.43
PA C2G K . 13.93 -25.74 -11.82
O1A C2G K . 12.65 -24.85 -11.92
O2A C2G K . 14.23 -26.04 -10.31
O3A C2G K . 13.64 -27.08 -12.75
PB C2G K . 14.44 -28.49 -12.38
O1B C2G K . 13.59 -29.29 -11.34
O2B C2G K . 15.89 -28.18 -11.86
O3B C2G K . 14.43 -29.38 -13.79
O1G C2G K . 15.35 -32.81 -16.65
C1G C2G K . 15.60 -31.76 -15.70
C2G C2G K . 14.28 -31.59 -15.01
O2G C2G K . 13.33 -30.94 -15.87
C3G C2G K . 14.40 -30.80 -13.72
#